data_1RKV
#
_entry.id   1RKV
#
_cell.length_a   71.751
_cell.length_b   93.021
_cell.length_c   132.348
_cell.angle_alpha   90.00
_cell.angle_beta   90.00
_cell.angle_gamma   90.00
#
_symmetry.space_group_name_H-M   'C 2 2 21'
#
loop_
_entity.id
_entity.type
_entity.pdbx_description
1 polymer 'homoserine kinase'
2 non-polymer 'PHOSPHATE ION'
3 non-polymer 'MAGNESIUM ION'
4 non-polymer 1,2-ETHANEDIOL
5 water water
#
_entity_poly.entity_id   1
_entity_poly.type   'polypeptide(L)'
_entity_poly.pdbx_seq_one_letter_code
;DMEIACLDLEGVLVPEIWIAFAEKTGIDALKATTRDIPDYDVLMKQRLRILDEHGLKLGDIQEVIATLKPLEGAVEFVDW
LRERFQVVILSDTFYEFSQPLMRQLGFPTLLCHKLEIDDSDRVVGYQLRQKDPKRQSVIAFKSLYYRVIAAGDSYNDTTM
LSEAHAGILFHAPENVIREFPQFPAVHTYEDLKREFLKASSRSLSL
;
_entity_poly.pdbx_strand_id   A,B
#
loop_
_chem_comp.id
_chem_comp.type
_chem_comp.name
_chem_comp.formula
EDO non-polymer 1,2-ETHANEDIOL 'C2 H6 O2'
MG non-polymer 'MAGNESIUM ION' 'Mg 2'
PO4 non-polymer 'PHOSPHATE ION' 'O4 P -3'
#
# COMPACT_ATOMS: atom_id res chain seq x y z
N ASP A 1 7.75 -12.80 -11.69
CA ASP A 1 7.30 -11.37 -11.71
C ASP A 1 6.21 -11.02 -10.67
N MET A 2 6.60 -10.24 -9.66
CA MET A 2 5.66 -9.81 -8.63
C MET A 2 4.74 -8.76 -9.29
N GLU A 3 3.46 -8.93 -9.02
CA GLU A 3 2.42 -8.11 -9.56
C GLU A 3 1.76 -7.32 -8.46
N ILE A 4 1.15 -6.21 -8.82
CA ILE A 4 0.40 -5.44 -7.87
C ILE A 4 -1.04 -5.84 -8.15
N ALA A 5 -1.81 -6.08 -7.09
CA ALA A 5 -3.22 -6.44 -7.19
C ALA A 5 -3.96 -5.19 -6.75
N CYS A 6 -4.70 -4.59 -7.68
CA CYS A 6 -5.49 -3.40 -7.43
C CYS A 6 -6.95 -3.80 -7.27
N LEU A 7 -7.54 -3.50 -6.12
CA LEU A 7 -8.91 -3.83 -5.88
C LEU A 7 -9.74 -2.58 -5.68
N ASP A 8 -10.92 -2.57 -6.29
CA ASP A 8 -11.85 -1.50 -6.02
C ASP A 8 -12.32 -1.83 -4.60
N LEU A 9 -12.85 -0.83 -3.89
CA LEU A 9 -13.28 -1.02 -2.52
C LEU A 9 -14.75 -1.36 -2.32
N GLU A 10 -15.63 -0.42 -2.66
CA GLU A 10 -17.07 -0.63 -2.44
C GLU A 10 -17.66 -1.61 -3.46
N GLY A 11 -18.38 -2.61 -2.97
CA GLY A 11 -18.98 -3.59 -3.88
C GLY A 11 -18.03 -4.78 -4.11
N VAL A 12 -16.80 -4.63 -3.64
CA VAL A 12 -15.83 -5.70 -3.79
C VAL A 12 -15.39 -6.21 -2.42
N LEU A 13 -15.04 -5.30 -1.52
CA LEU A 13 -14.62 -5.64 -0.18
C LEU A 13 -15.59 -5.16 0.90
N VAL A 14 -16.26 -4.04 0.67
CA VAL A 14 -17.19 -3.50 1.67
C VAL A 14 -18.48 -3.02 0.99
N PRO A 15 -19.56 -2.79 1.76
CA PRO A 15 -20.82 -2.31 1.19
C PRO A 15 -20.65 -0.91 0.64
N GLU A 16 -21.59 -0.47 -0.20
CA GLU A 16 -21.57 0.91 -0.72
C GLU A 16 -21.69 1.75 0.57
N ILE A 17 -20.70 2.60 0.86
CA ILE A 17 -20.72 3.30 2.12
C ILE A 17 -21.78 4.41 2.31
N TRP A 18 -21.87 5.36 1.40
CA TRP A 18 -22.86 6.42 1.60
C TRP A 18 -24.25 5.89 1.81
N ILE A 19 -24.66 5.00 0.91
CA ILE A 19 -26.00 4.47 0.97
C ILE A 19 -26.27 3.79 2.31
N ALA A 20 -25.33 2.96 2.77
CA ALA A 20 -25.51 2.25 4.06
C ALA A 20 -25.56 3.25 5.21
N PHE A 21 -24.67 4.23 5.17
CA PHE A 21 -24.65 5.27 6.18
C PHE A 21 -26.01 6.01 6.22
N ALA A 22 -26.49 6.42 5.06
CA ALA A 22 -27.76 7.14 4.98
C ALA A 22 -28.89 6.30 5.58
N GLU A 23 -28.97 5.04 5.22
CA GLU A 23 -29.98 4.15 5.76
C GLU A 23 -29.86 4.06 7.27
N LYS A 24 -28.63 4.00 7.78
CA LYS A 24 -28.47 3.88 9.24
C LYS A 24 -28.94 5.11 10.04
N THR A 25 -28.89 6.28 9.42
CA THR A 25 -29.30 7.51 10.10
C THR A 25 -30.83 7.68 10.08
N GLY A 26 -31.51 7.03 9.16
CA GLY A 26 -32.96 7.18 9.10
C GLY A 26 -33.42 8.50 8.52
N ILE A 27 -32.47 9.31 8.05
CA ILE A 27 -32.83 10.62 7.50
C ILE A 27 -33.10 10.45 6.02
N ASP A 28 -34.37 10.54 5.65
CA ASP A 28 -34.69 10.34 4.24
C ASP A 28 -33.97 11.31 3.30
N ALA A 29 -33.85 12.58 3.68
CA ALA A 29 -33.20 13.53 2.78
C ALA A 29 -31.74 13.16 2.41
N LEU A 30 -31.10 12.32 3.23
CA LEU A 30 -29.70 11.90 2.96
C LEU A 30 -29.57 10.78 1.92
N LYS A 31 -30.72 10.22 1.54
CA LYS A 31 -30.74 9.09 0.63
C LYS A 31 -30.74 9.38 -0.86
N ALA A 32 -30.77 10.66 -1.26
CA ALA A 32 -30.76 10.96 -2.70
C ALA A 32 -29.51 10.35 -3.33
N THR A 33 -29.64 9.88 -4.56
CA THR A 33 -28.52 9.28 -5.28
C THR A 33 -28.31 10.05 -6.57
N THR A 34 -27.35 9.60 -7.38
CA THR A 34 -27.09 10.26 -8.65
C THR A 34 -28.32 10.21 -9.57
N ARG A 35 -29.26 9.31 -9.28
CA ARG A 35 -30.48 9.18 -10.08
C ARG A 35 -31.43 10.32 -9.77
N ASP A 36 -31.40 10.77 -8.53
CA ASP A 36 -32.23 11.88 -8.09
C ASP A 36 -31.56 13.20 -8.49
N ILE A 37 -30.24 13.21 -8.41
CA ILE A 37 -29.43 14.38 -8.74
C ILE A 37 -28.19 13.88 -9.49
N PRO A 38 -28.24 13.90 -10.83
CA PRO A 38 -27.18 13.46 -11.75
C PRO A 38 -25.87 14.23 -11.71
N ASP A 39 -25.93 15.52 -11.42
CA ASP A 39 -24.72 16.33 -11.34
C ASP A 39 -24.06 16.01 -10.00
N TYR A 40 -22.90 15.36 -10.05
CA TYR A 40 -22.17 14.96 -8.85
C TYR A 40 -21.84 16.11 -7.89
N ASP A 41 -21.45 17.26 -8.43
CA ASP A 41 -21.13 18.39 -7.56
C ASP A 41 -22.38 18.88 -6.83
N VAL A 42 -23.51 18.90 -7.55
CA VAL A 42 -24.76 19.35 -6.94
C VAL A 42 -25.18 18.34 -5.87
N LEU A 43 -25.01 17.05 -6.18
CA LEU A 43 -25.35 16.00 -5.22
C LEU A 43 -24.51 16.14 -3.96
N MET A 44 -23.19 16.32 -4.11
CA MET A 44 -22.30 16.47 -2.95
C MET A 44 -22.63 17.73 -2.11
N LYS A 45 -22.92 18.85 -2.77
CA LYS A 45 -23.21 20.06 -2.02
C LYS A 45 -24.48 19.84 -1.18
N GLN A 46 -25.45 19.16 -1.75
CA GLN A 46 -26.70 18.89 -1.05
C GLN A 46 -26.44 18.00 0.14
N ARG A 47 -25.65 16.95 -0.06
CA ARG A 47 -25.33 16.05 1.04
C ARG A 47 -24.71 16.82 2.18
N LEU A 48 -23.72 17.68 1.85
CA LEU A 48 -23.06 18.46 2.90
C LEU A 48 -24.05 19.35 3.64
N ARG A 49 -24.93 20.00 2.90
CA ARG A 49 -25.93 20.86 3.52
C ARG A 49 -26.86 20.10 4.47
N ILE A 50 -27.38 18.96 4.03
CA ILE A 50 -28.28 18.18 4.86
C ILE A 50 -27.58 17.60 6.07
N LEU A 51 -26.34 17.15 5.89
CA LEU A 51 -25.59 16.65 7.02
C LEU A 51 -25.48 17.78 8.07
N ASP A 52 -25.19 19.00 7.61
CA ASP A 52 -25.06 20.14 8.53
C ASP A 52 -26.39 20.54 9.22
N GLU A 53 -27.48 20.50 8.47
CA GLU A 53 -28.80 20.84 9.03
C GLU A 53 -29.17 19.87 10.13
N HIS A 54 -28.63 18.67 10.05
CA HIS A 54 -28.93 17.63 11.04
C HIS A 54 -27.82 17.51 12.08
N GLY A 55 -26.85 18.43 12.05
CA GLY A 55 -25.75 18.40 13.01
C GLY A 55 -24.84 17.18 12.97
N LEU A 56 -24.67 16.58 11.79
CA LEU A 56 -23.81 15.39 11.68
C LEU A 56 -22.41 15.81 11.26
N LYS A 57 -21.53 15.94 12.24
CA LYS A 57 -20.17 16.33 12.00
C LYS A 57 -19.38 15.07 11.64
N LEU A 58 -18.14 15.23 11.20
CA LEU A 58 -17.36 14.06 10.81
C LEU A 58 -17.34 12.96 11.85
N GLY A 59 -17.14 13.33 13.11
CA GLY A 59 -17.11 12.33 14.16
C GLY A 59 -18.38 11.50 14.23
N ASP A 60 -19.52 12.17 14.06
CA ASP A 60 -20.82 11.48 14.09
C ASP A 60 -20.94 10.56 12.90
N ILE A 61 -20.51 11.05 11.74
CA ILE A 61 -20.57 10.25 10.55
C ILE A 61 -19.71 8.97 10.67
N GLN A 62 -18.47 9.13 11.12
CA GLN A 62 -17.57 7.99 11.25
C GLN A 62 -18.06 6.99 12.31
N GLU A 63 -18.75 7.50 13.33
CA GLU A 63 -19.28 6.62 14.37
C GLU A 63 -20.27 5.66 13.74
N VAL A 64 -21.14 6.21 12.88
CA VAL A 64 -22.15 5.40 12.21
C VAL A 64 -21.43 4.43 11.25
N ILE A 65 -20.48 4.92 10.47
CA ILE A 65 -19.79 4.06 9.51
C ILE A 65 -19.01 2.94 10.20
N ALA A 66 -18.51 3.20 11.39
CA ALA A 66 -17.76 2.16 12.10
C ALA A 66 -18.63 0.95 12.44
N THR A 67 -19.96 1.10 12.37
CA THR A 67 -20.82 -0.04 12.69
C THR A 67 -20.98 -0.95 11.46
N LEU A 68 -20.47 -0.49 10.31
CA LEU A 68 -20.51 -1.27 9.10
C LEU A 68 -19.35 -2.25 9.17
N LYS A 69 -19.45 -3.33 8.42
CA LYS A 69 -18.39 -4.33 8.39
C LYS A 69 -18.08 -4.66 6.94
N PRO A 70 -16.90 -5.26 6.70
CA PRO A 70 -16.52 -5.64 5.34
C PRO A 70 -17.51 -6.72 4.93
N LEU A 71 -17.64 -6.98 3.63
CA LEU A 71 -18.54 -8.02 3.14
C LEU A 71 -18.07 -9.39 3.68
N GLU A 72 -19.01 -10.32 3.85
CA GLU A 72 -18.65 -11.62 4.39
C GLU A 72 -17.63 -12.33 3.50
N GLY A 73 -16.47 -12.65 4.08
CA GLY A 73 -15.41 -13.30 3.32
C GLY A 73 -14.33 -12.34 2.82
N ALA A 74 -14.62 -11.03 2.83
CA ALA A 74 -13.64 -10.03 2.39
C ALA A 74 -12.36 -10.01 3.22
N VAL A 75 -12.47 -10.12 4.54
CA VAL A 75 -11.26 -10.08 5.38
C VAL A 75 -10.31 -11.22 5.00
N GLU A 76 -10.83 -12.45 4.91
CA GLU A 76 -9.96 -13.56 4.55
C GLU A 76 -9.41 -13.37 3.12
N PHE A 77 -10.23 -12.84 2.23
CA PHE A 77 -9.75 -12.65 0.87
C PHE A 77 -8.56 -11.67 0.81
N VAL A 78 -8.67 -10.55 1.49
CA VAL A 78 -7.56 -9.59 1.49
C VAL A 78 -6.31 -10.25 2.08
N ASP A 79 -6.46 -11.00 3.19
CA ASP A 79 -5.28 -11.68 3.73
C ASP A 79 -4.68 -12.63 2.72
N TRP A 80 -5.53 -13.40 2.05
CA TRP A 80 -5.05 -14.36 1.07
C TRP A 80 -4.27 -13.61 -0.01
N LEU A 81 -4.84 -12.50 -0.50
CA LEU A 81 -4.21 -11.76 -1.59
C LEU A 81 -2.85 -11.15 -1.20
N ARG A 82 -2.74 -10.69 0.05
CA ARG A 82 -1.50 -10.09 0.50
C ARG A 82 -0.37 -11.10 0.66
N GLU A 83 -0.71 -12.39 0.76
CA GLU A 83 0.35 -13.39 0.83
C GLU A 83 0.93 -13.62 -0.54
N ARG A 84 0.25 -13.14 -1.57
CA ARG A 84 0.66 -13.43 -2.95
C ARG A 84 0.98 -12.27 -3.88
N PHE A 85 0.45 -11.10 -3.52
CA PHE A 85 0.66 -9.91 -4.34
C PHE A 85 0.89 -8.71 -3.45
N GLN A 86 1.26 -7.57 -4.05
CA GLN A 86 1.38 -6.34 -3.29
C GLN A 86 0.00 -5.77 -3.54
N VAL A 87 -0.70 -5.46 -2.46
CA VAL A 87 -2.08 -5.03 -2.57
C VAL A 87 -2.34 -3.54 -2.42
N VAL A 88 -3.07 -2.97 -3.38
CA VAL A 88 -3.45 -1.57 -3.34
C VAL A 88 -4.97 -1.44 -3.61
N ILE A 89 -5.64 -0.65 -2.78
CA ILE A 89 -7.07 -0.45 -2.93
C ILE A 89 -7.29 0.89 -3.66
N LEU A 90 -8.17 0.92 -4.67
CA LEU A 90 -8.47 2.15 -5.40
C LEU A 90 -9.95 2.40 -5.18
N SER A 91 -10.34 3.65 -4.92
CA SER A 91 -11.74 3.85 -4.62
C SER A 91 -12.21 5.23 -4.98
N ASP A 92 -13.47 5.35 -5.35
CA ASP A 92 -13.98 6.67 -5.65
C ASP A 92 -14.64 7.30 -4.41
N THR A 93 -14.48 6.71 -3.22
CA THR A 93 -15.05 7.38 -2.03
C THR A 93 -13.98 8.27 -1.38
N PHE A 94 -14.23 8.73 -0.16
CA PHE A 94 -13.30 9.65 0.53
C PHE A 94 -12.65 8.97 1.72
N TYR A 95 -11.40 9.38 2.02
CA TYR A 95 -10.65 8.83 3.14
C TYR A 95 -11.44 8.81 4.43
N GLU A 96 -12.17 9.90 4.67
CA GLU A 96 -12.99 10.05 5.88
C GLU A 96 -14.16 9.09 5.99
N PHE A 97 -14.72 8.66 4.87
CA PHE A 97 -15.84 7.72 4.91
C PHE A 97 -15.32 6.29 4.99
N SER A 98 -14.19 6.01 4.33
CA SER A 98 -13.66 4.65 4.32
C SER A 98 -12.88 4.24 5.56
N GLN A 99 -12.33 5.21 6.29
CA GLN A 99 -11.46 4.86 7.39
C GLN A 99 -11.88 3.76 8.38
N PRO A 100 -13.09 3.84 8.94
CA PRO A 100 -13.51 2.81 9.89
C PRO A 100 -13.54 1.42 9.26
N LEU A 101 -13.79 1.35 7.96
CA LEU A 101 -13.80 0.07 7.26
C LEU A 101 -12.36 -0.37 6.93
N MET A 102 -11.52 0.56 6.50
CA MET A 102 -10.14 0.20 6.18
C MET A 102 -9.43 -0.42 7.37
N ARG A 103 -9.74 0.10 8.56
CA ARG A 103 -9.18 -0.38 9.81
C ARG A 103 -9.44 -1.88 9.96
N GLN A 104 -10.66 -2.30 9.61
CA GLN A 104 -11.06 -3.70 9.72
C GLN A 104 -10.38 -4.62 8.70
N LEU A 105 -9.76 -4.02 7.70
CA LEU A 105 -9.04 -4.78 6.67
C LEU A 105 -7.51 -4.75 6.89
N GLY A 106 -7.09 -4.13 7.99
CA GLY A 106 -5.67 -4.01 8.28
C GLY A 106 -4.98 -2.83 7.58
N PHE A 107 -5.77 -1.80 7.25
CA PHE A 107 -5.28 -0.60 6.60
C PHE A 107 -4.40 -0.80 5.38
N PRO A 108 -4.91 -1.54 4.40
CA PRO A 108 -4.08 -1.71 3.20
C PRO A 108 -4.05 -0.34 2.50
N THR A 109 -3.03 -0.13 1.67
CA THR A 109 -2.88 1.14 0.97
C THR A 109 -4.13 1.45 0.19
N LEU A 110 -4.64 2.67 0.41
CA LEU A 110 -5.86 3.13 -0.23
C LEU A 110 -5.63 4.44 -0.99
N LEU A 111 -5.97 4.48 -2.28
CA LEU A 111 -5.80 5.69 -3.08
C LEU A 111 -7.22 6.13 -3.46
N CYS A 112 -7.68 7.22 -2.85
CA CYS A 112 -9.04 7.68 -3.12
C CYS A 112 -9.08 9.20 -2.99
N HIS A 113 -10.27 9.75 -2.70
CA HIS A 113 -10.41 11.20 -2.57
C HIS A 113 -10.42 11.66 -1.11
N LYS A 114 -10.65 12.94 -0.91
CA LYS A 114 -10.55 13.54 0.43
C LYS A 114 -11.62 14.62 0.70
N LEU A 115 -12.16 14.63 1.92
CA LEU A 115 -13.15 15.64 2.29
C LEU A 115 -12.45 16.83 2.90
N GLU A 116 -13.12 17.97 2.86
CA GLU A 116 -12.59 19.18 3.47
C GLU A 116 -13.36 19.28 4.80
N ILE A 117 -12.63 19.30 5.91
CA ILE A 117 -13.20 19.36 7.28
C ILE A 117 -12.76 20.65 8.00
N ASP A 118 -13.69 21.45 8.53
CA ASP A 118 -13.29 22.69 9.21
C ASP A 118 -12.84 22.45 10.66
N ASP A 119 -12.60 23.52 11.42
CA ASP A 119 -12.11 23.35 12.80
C ASP A 119 -13.18 22.86 13.77
N SER A 120 -14.44 22.90 13.35
CA SER A 120 -15.50 22.43 14.23
C SER A 120 -15.95 21.01 13.86
N ASP A 121 -15.09 20.29 13.13
CA ASP A 121 -15.38 18.91 12.67
C ASP A 121 -16.55 18.87 11.67
N ARG A 122 -16.81 19.96 10.97
CA ARG A 122 -17.89 19.96 9.99
C ARG A 122 -17.37 19.64 8.60
N VAL A 123 -18.10 18.82 7.85
CA VAL A 123 -17.69 18.51 6.48
C VAL A 123 -18.12 19.73 5.65
N VAL A 124 -17.15 20.51 5.17
CA VAL A 124 -17.47 21.72 4.43
C VAL A 124 -17.16 21.71 2.94
N GLY A 125 -16.56 20.62 2.47
CA GLY A 125 -16.25 20.54 1.06
C GLY A 125 -15.65 19.19 0.70
N TYR A 126 -15.20 19.04 -0.55
CA TYR A 126 -14.59 17.79 -0.97
C TYR A 126 -13.64 18.07 -2.10
N GLN A 127 -12.67 17.19 -2.28
CA GLN A 127 -11.71 17.40 -3.35
C GLN A 127 -11.48 16.05 -4.05
N LEU A 128 -11.72 16.01 -5.36
CA LEU A 128 -11.48 14.80 -6.13
C LEU A 128 -9.98 14.88 -6.41
N ARG A 129 -9.26 13.78 -6.21
CA ARG A 129 -7.80 13.83 -6.37
C ARG A 129 -7.33 14.19 -7.76
N GLN A 130 -7.96 13.59 -8.76
CA GLN A 130 -7.64 13.85 -10.15
C GLN A 130 -8.70 13.12 -10.97
N LYS A 131 -8.77 13.44 -12.26
CA LYS A 131 -9.71 12.75 -13.17
C LYS A 131 -9.28 11.30 -13.41
N ASP A 132 -10.25 10.39 -13.59
CA ASP A 132 -10.01 8.97 -13.86
C ASP A 132 -8.90 8.45 -12.96
N PRO A 133 -9.03 8.66 -11.65
CA PRO A 133 -8.04 8.26 -10.64
C PRO A 133 -7.63 6.81 -10.59
N LYS A 134 -8.54 5.89 -10.85
CA LYS A 134 -8.16 4.48 -10.79
C LYS A 134 -7.27 4.13 -11.97
N ARG A 135 -7.64 4.63 -13.14
CA ARG A 135 -6.86 4.35 -14.33
C ARG A 135 -5.48 4.98 -14.19
N GLN A 136 -5.43 6.22 -13.72
CA GLN A 136 -4.14 6.90 -13.54
C GLN A 136 -3.27 6.16 -12.52
N SER A 137 -3.89 5.57 -11.51
CA SER A 137 -3.11 4.82 -10.49
C SER A 137 -2.45 3.61 -11.15
N VAL A 138 -3.17 2.91 -12.02
CA VAL A 138 -2.58 1.75 -12.69
C VAL A 138 -1.39 2.20 -13.54
N ILE A 139 -1.56 3.32 -14.22
CA ILE A 139 -0.47 3.88 -15.03
C ILE A 139 0.79 4.15 -14.14
N ALA A 140 0.55 4.69 -12.96
CA ALA A 140 1.67 4.97 -12.06
C ALA A 140 2.43 3.66 -11.73
N PHE A 141 1.70 2.60 -11.42
CA PHE A 141 2.40 1.37 -11.10
C PHE A 141 3.12 0.82 -12.32
N LYS A 142 2.52 0.95 -13.51
CA LYS A 142 3.21 0.48 -14.73
C LYS A 142 4.51 1.28 -14.92
N SER A 143 4.51 2.55 -14.47
CA SER A 143 5.73 3.38 -14.62
C SER A 143 6.88 2.84 -13.77
N LEU A 144 6.56 2.00 -12.79
CA LEU A 144 7.57 1.41 -11.90
C LEU A 144 7.87 -0.03 -12.28
N TYR A 145 7.47 -0.39 -13.49
CA TYR A 145 7.66 -1.72 -14.05
C TYR A 145 6.90 -2.84 -13.36
N TYR A 146 5.70 -2.55 -12.86
CA TYR A 146 4.92 -3.61 -12.25
C TYR A 146 3.86 -4.08 -13.21
N ARG A 147 3.56 -5.37 -13.13
CA ARG A 147 2.45 -5.92 -13.91
C ARG A 147 1.28 -5.71 -12.92
N VAL A 148 0.14 -5.26 -13.42
CA VAL A 148 -1.02 -5.00 -12.57
C VAL A 148 -2.22 -5.92 -12.88
N ILE A 149 -2.83 -6.53 -11.86
CA ILE A 149 -4.05 -7.36 -12.05
C ILE A 149 -5.11 -6.62 -11.25
N ALA A 150 -6.23 -6.25 -11.87
CA ALA A 150 -7.24 -5.49 -11.13
C ALA A 150 -8.59 -6.12 -11.09
N ALA A 151 -9.35 -5.81 -10.05
CA ALA A 151 -10.71 -6.33 -9.92
C ALA A 151 -11.64 -5.21 -9.50
N GLY A 152 -12.84 -5.21 -10.08
CA GLY A 152 -13.82 -4.20 -9.75
C GLY A 152 -15.24 -4.67 -9.98
N ASP A 153 -16.23 -3.93 -9.49
CA ASP A 153 -17.63 -4.37 -9.62
C ASP A 153 -18.54 -3.50 -10.47
N SER A 154 -18.03 -2.38 -10.97
CA SER A 154 -18.91 -1.45 -11.70
C SER A 154 -18.34 -0.87 -12.97
N TYR A 155 -19.19 -0.15 -13.69
CA TYR A 155 -18.73 0.46 -14.92
C TYR A 155 -17.62 1.46 -14.56
N ASN A 156 -17.71 2.06 -13.37
CA ASN A 156 -16.68 3.04 -13.01
C ASN A 156 -15.31 2.41 -12.70
N ASP A 157 -15.22 1.09 -12.83
CA ASP A 157 -13.95 0.36 -12.68
C ASP A 157 -13.39 -0.07 -14.03
N THR A 158 -14.16 0.11 -15.11
CA THR A 158 -13.66 -0.42 -16.36
C THR A 158 -12.43 0.26 -16.97
N THR A 159 -12.21 1.54 -16.70
CA THR A 159 -10.99 2.11 -17.25
C THR A 159 -9.79 1.51 -16.52
N MET A 160 -9.97 1.18 -15.24
CA MET A 160 -8.91 0.58 -14.42
C MET A 160 -8.67 -0.83 -14.92
N LEU A 161 -9.75 -1.57 -15.12
CA LEU A 161 -9.60 -2.95 -15.60
C LEU A 161 -8.95 -2.97 -16.98
N SER A 162 -9.33 -2.01 -17.83
CA SER A 162 -8.75 -1.97 -19.17
C SER A 162 -7.29 -1.60 -19.17
N GLU A 163 -6.91 -0.73 -18.25
CA GLU A 163 -5.51 -0.32 -18.19
C GLU A 163 -4.62 -1.40 -17.61
N ALA A 164 -5.13 -2.15 -16.64
CA ALA A 164 -4.31 -3.23 -16.04
C ALA A 164 -3.92 -4.27 -17.10
N HIS A 165 -2.95 -5.09 -16.77
CA HIS A 165 -2.53 -6.15 -17.66
C HIS A 165 -3.62 -7.22 -17.71
N ALA A 166 -4.39 -7.37 -16.62
CA ALA A 166 -5.51 -8.33 -16.56
C ALA A 166 -6.59 -7.74 -15.70
N GLY A 167 -7.83 -7.85 -16.15
CA GLY A 167 -8.93 -7.32 -15.36
C GLY A 167 -9.94 -8.40 -15.01
N ILE A 168 -10.55 -8.28 -13.83
CA ILE A 168 -11.54 -9.27 -13.42
C ILE A 168 -12.77 -8.53 -12.93
N LEU A 169 -13.95 -8.96 -13.36
CA LEU A 169 -15.19 -8.32 -12.90
C LEU A 169 -15.76 -9.15 -11.74
N PHE A 170 -16.13 -8.48 -10.65
CA PHE A 170 -16.63 -9.15 -9.44
C PHE A 170 -17.99 -8.58 -9.02
N HIS A 171 -19.02 -9.41 -9.00
CA HIS A 171 -20.37 -8.95 -8.63
C HIS A 171 -20.87 -7.83 -9.53
N ALA A 172 -20.42 -7.87 -10.78
CA ALA A 172 -20.81 -6.87 -11.76
C ALA A 172 -22.19 -7.13 -12.37
N PRO A 173 -22.89 -6.05 -12.78
CA PRO A 173 -24.21 -6.20 -13.39
C PRO A 173 -24.03 -6.77 -14.80
N GLU A 174 -25.06 -7.43 -15.34
CA GLU A 174 -25.00 -8.04 -16.67
C GLU A 174 -24.68 -7.02 -17.77
N ASN A 175 -25.07 -5.79 -17.49
CA ASN A 175 -24.89 -4.57 -18.29
C ASN A 175 -23.41 -4.34 -18.63
N VAL A 176 -22.58 -4.65 -17.64
CA VAL A 176 -21.13 -4.50 -17.71
C VAL A 176 -20.49 -5.80 -18.19
N ILE A 177 -20.91 -6.94 -17.64
CA ILE A 177 -20.35 -8.21 -18.09
C ILE A 177 -20.44 -8.38 -19.61
N ARG A 178 -21.62 -8.08 -20.15
CA ARG A 178 -21.85 -8.20 -21.60
C ARG A 178 -20.97 -7.27 -22.41
N GLU A 179 -20.80 -6.04 -21.94
CA GLU A 179 -19.98 -5.04 -22.63
C GLU A 179 -18.47 -5.23 -22.51
N PHE A 180 -18.02 -5.92 -21.46
CA PHE A 180 -16.60 -6.13 -21.31
C PHE A 180 -16.25 -7.62 -21.18
N PRO A 181 -16.49 -8.42 -22.23
CA PRO A 181 -16.20 -9.86 -22.20
C PRO A 181 -14.74 -10.22 -22.01
N GLN A 182 -13.85 -9.27 -22.26
CA GLN A 182 -12.42 -9.53 -22.09
C GLN A 182 -12.06 -9.71 -20.60
N PHE A 183 -12.99 -9.41 -19.71
CA PHE A 183 -12.73 -9.56 -18.29
C PHE A 183 -13.56 -10.71 -17.71
N PRO A 184 -12.90 -11.73 -17.16
CA PRO A 184 -13.63 -12.86 -16.57
C PRO A 184 -14.55 -12.28 -15.50
N ALA A 185 -15.78 -12.77 -15.43
CA ALA A 185 -16.73 -12.28 -14.46
C ALA A 185 -17.11 -13.36 -13.46
N VAL A 186 -16.87 -13.10 -12.19
CA VAL A 186 -17.17 -14.06 -11.12
C VAL A 186 -17.95 -13.38 -10.00
N HIS A 187 -18.48 -14.15 -9.05
CA HIS A 187 -19.23 -13.54 -7.94
C HIS A 187 -19.07 -14.24 -6.60
N THR A 188 -17.96 -14.92 -6.39
CA THR A 188 -17.65 -15.51 -5.09
C THR A 188 -16.14 -15.24 -4.87
N TYR A 189 -15.72 -15.08 -3.61
CA TYR A 189 -14.29 -14.83 -3.37
C TYR A 189 -13.46 -16.00 -3.81
N GLU A 190 -13.99 -17.23 -3.71
CA GLU A 190 -13.20 -18.38 -4.15
C GLU A 190 -12.93 -18.28 -5.64
N ASP A 191 -13.95 -17.95 -6.43
CA ASP A 191 -13.71 -17.82 -7.86
C ASP A 191 -12.81 -16.62 -8.12
N LEU A 192 -12.95 -15.56 -7.32
CA LEU A 192 -12.09 -14.38 -7.53
C LEU A 192 -10.64 -14.81 -7.30
N LYS A 193 -10.37 -15.59 -6.25
CA LYS A 193 -9.01 -16.08 -6.01
C LYS A 193 -8.51 -16.81 -7.24
N ARG A 194 -9.31 -17.75 -7.73
CA ARG A 194 -8.93 -18.52 -8.91
C ARG A 194 -8.62 -17.60 -10.11
N GLU A 195 -9.36 -16.52 -10.29
CA GLU A 195 -9.04 -15.66 -11.43
C GLU A 195 -7.71 -14.95 -11.22
N PHE A 196 -7.37 -14.60 -9.97
CA PHE A 196 -6.09 -13.95 -9.74
C PHE A 196 -4.98 -14.96 -10.02
N LEU A 197 -5.22 -16.23 -9.71
CA LEU A 197 -4.20 -17.23 -9.97
C LEU A 197 -4.01 -17.40 -11.48
N LYS A 198 -5.09 -17.47 -12.24
CA LYS A 198 -4.95 -17.61 -13.70
C LYS A 198 -4.27 -16.40 -14.32
N ALA A 199 -4.58 -15.20 -13.83
CA ALA A 199 -3.98 -13.97 -14.36
C ALA A 199 -2.51 -13.77 -14.05
N SER A 200 -2.03 -14.37 -12.98
CA SER A 200 -0.64 -14.22 -12.57
C SER A 200 0.38 -14.95 -13.46
N SER A 201 1.56 -14.40 -13.62
CA SER A 201 2.59 -15.05 -14.42
C SER A 201 3.38 -16.02 -13.53
N ARG A 202 3.06 -16.00 -12.25
CA ARG A 202 3.73 -16.86 -11.30
C ARG A 202 2.87 -18.07 -10.98
N SER A 203 3.47 -19.11 -10.44
CA SER A 203 2.70 -20.30 -10.08
C SER A 203 2.35 -20.12 -8.61
N LEU A 204 1.10 -19.81 -8.33
CA LEU A 204 0.69 -19.61 -6.96
C LEU A 204 -0.29 -20.69 -6.60
N SER A 205 -0.43 -20.94 -5.31
CA SER A 205 -1.34 -21.96 -4.82
C SER A 205 -2.58 -21.28 -4.30
N LEU A 206 -3.68 -22.04 -4.35
CA LEU A 206 -4.96 -21.57 -3.84
C LEU A 206 -4.88 -21.72 -2.33
N ASP B 1 -4.30 18.05 0.47
CA ASP B 1 -4.07 17.38 1.81
C ASP B 1 -3.92 15.85 1.70
N MET B 2 -3.58 15.33 0.52
CA MET B 2 -3.46 13.88 0.38
C MET B 2 -1.99 13.39 0.52
N GLU B 3 -1.73 12.61 1.58
CA GLU B 3 -0.36 12.13 1.92
C GLU B 3 0.00 10.64 2.05
N ILE B 4 1.13 10.27 1.45
CA ILE B 4 1.65 8.91 1.47
C ILE B 4 2.91 8.92 2.33
N ALA B 5 3.02 7.99 3.26
CA ALA B 5 4.20 7.91 4.08
C ALA B 5 5.02 6.76 3.46
N CYS B 6 6.19 7.08 2.92
CA CYS B 6 7.06 6.07 2.33
C CYS B 6 8.16 5.77 3.33
N LEU B 7 8.29 4.50 3.69
CA LEU B 7 9.29 4.06 4.65
C LEU B 7 10.26 3.07 4.04
N ASP B 8 11.53 3.25 4.34
CA ASP B 8 12.54 2.30 3.94
C ASP B 8 12.26 1.12 4.91
N LEU B 9 12.72 -0.07 4.56
CA LEU B 9 12.46 -1.23 5.40
C LEU B 9 13.57 -1.55 6.39
N GLU B 10 14.74 -1.90 5.89
CA GLU B 10 15.82 -2.30 6.79
C GLU B 10 16.44 -1.12 7.55
N GLY B 11 16.66 -1.30 8.84
CA GLY B 11 17.24 -0.21 9.60
C GLY B 11 16.15 0.66 10.18
N VAL B 12 15.04 0.72 9.47
CA VAL B 12 13.91 1.54 9.91
C VAL B 12 12.82 0.70 10.64
N LEU B 13 12.44 -0.43 10.06
CA LEU B 13 11.41 -1.28 10.66
C LEU B 13 11.92 -2.64 11.07
N VAL B 14 12.94 -3.15 10.36
CA VAL B 14 13.51 -4.47 10.64
C VAL B 14 15.04 -4.41 10.53
N PRO B 15 15.74 -5.41 11.11
CA PRO B 15 17.20 -5.41 11.03
C PRO B 15 17.61 -5.65 9.59
N GLU B 16 18.87 -5.36 9.28
CA GLU B 16 19.41 -5.66 7.95
C GLU B 16 19.24 -7.18 7.83
N ILE B 17 18.50 -7.64 6.82
CA ILE B 17 18.23 -9.07 6.66
C ILE B 17 19.47 -9.97 6.46
N TRP B 18 20.43 -9.54 5.64
CA TRP B 18 21.61 -10.39 5.43
C TRP B 18 22.55 -10.46 6.65
N ILE B 19 22.72 -9.36 7.36
CA ILE B 19 23.57 -9.32 8.53
C ILE B 19 22.98 -10.24 9.60
N ALA B 20 21.65 -10.23 9.71
CA ALA B 20 20.94 -11.08 10.67
C ALA B 20 20.93 -12.55 10.23
N PHE B 21 20.86 -12.77 8.92
CA PHE B 21 20.85 -14.13 8.37
C PHE B 21 22.21 -14.74 8.71
N ALA B 22 23.26 -13.94 8.58
CA ALA B 22 24.62 -14.40 8.88
C ALA B 22 24.77 -14.75 10.37
N GLU B 23 24.25 -13.92 11.26
CA GLU B 23 24.35 -14.15 12.70
C GLU B 23 23.59 -15.41 13.09
N LYS B 24 22.48 -15.68 12.39
CA LYS B 24 21.68 -16.86 12.71
C LYS B 24 22.37 -18.15 12.26
N THR B 25 22.74 -18.20 10.98
CA THR B 25 23.37 -19.36 10.37
C THR B 25 24.86 -19.52 10.66
N GLY B 26 25.50 -18.48 11.16
CA GLY B 26 26.92 -18.52 11.45
C GLY B 26 27.81 -18.30 10.23
N ILE B 27 27.17 -18.04 9.08
CA ILE B 27 27.90 -17.81 7.83
C ILE B 27 28.36 -16.34 7.78
N ASP B 28 29.57 -16.08 8.25
CA ASP B 28 30.12 -14.72 8.27
C ASP B 28 30.24 -14.04 6.92
N ALA B 29 30.57 -14.82 5.90
CA ALA B 29 30.72 -14.26 4.56
C ALA B 29 29.45 -13.52 4.12
N LEU B 30 28.31 -13.83 4.74
CA LEU B 30 27.06 -13.18 4.35
C LEU B 30 26.77 -11.87 5.05
N LYS B 31 27.71 -11.40 5.88
CA LYS B 31 27.53 -10.13 6.57
C LYS B 31 27.78 -8.94 5.63
N ALA B 32 28.48 -9.18 4.53
CA ALA B 32 28.82 -8.10 3.59
C ALA B 32 27.63 -7.28 3.08
N THR B 33 27.80 -5.96 3.09
CA THR B 33 26.78 -5.03 2.57
C THR B 33 27.43 -4.13 1.52
N THR B 34 26.68 -3.19 0.96
CA THR B 34 27.25 -2.30 -0.04
C THR B 34 28.42 -1.49 0.52
N ARG B 35 28.58 -1.50 1.84
CA ARG B 35 29.70 -0.80 2.47
C ARG B 35 30.94 -1.62 2.12
N ASP B 36 30.76 -2.93 2.06
CA ASP B 36 31.83 -3.84 1.73
C ASP B 36 31.97 -3.94 0.21
N ILE B 37 30.83 -4.12 -0.47
CA ILE B 37 30.85 -4.22 -1.92
C ILE B 37 29.83 -3.26 -2.54
N PRO B 38 30.31 -2.08 -2.97
CA PRO B 38 29.58 -0.98 -3.60
C PRO B 38 28.63 -1.34 -4.77
N ASP B 39 29.02 -2.31 -5.59
CA ASP B 39 28.18 -2.72 -6.72
C ASP B 39 27.16 -3.74 -6.24
N TYR B 40 25.89 -3.34 -6.15
CA TYR B 40 24.85 -4.25 -5.67
C TYR B 40 24.79 -5.50 -6.54
N ASP B 41 25.05 -5.33 -7.84
CA ASP B 41 25.05 -6.47 -8.76
C ASP B 41 26.17 -7.48 -8.43
N VAL B 42 27.35 -6.99 -8.10
CA VAL B 42 28.43 -7.91 -7.76
C VAL B 42 28.13 -8.56 -6.40
N LEU B 43 27.76 -7.73 -5.43
CA LEU B 43 27.45 -8.23 -4.08
C LEU B 43 26.37 -9.30 -4.14
N MET B 44 25.38 -9.09 -5.02
CA MET B 44 24.29 -10.03 -5.18
C MET B 44 24.75 -11.34 -5.79
N LYS B 45 25.62 -11.25 -6.80
CA LYS B 45 26.15 -12.44 -7.44
C LYS B 45 26.92 -13.24 -6.40
N GLN B 46 27.67 -12.55 -5.54
CA GLN B 46 28.45 -13.21 -4.48
C GLN B 46 27.56 -13.87 -3.43
N ARG B 47 26.52 -13.16 -2.99
CA ARG B 47 25.61 -13.70 -2.00
C ARG B 47 24.92 -14.96 -2.54
N LEU B 48 24.49 -14.94 -3.79
CA LEU B 48 23.83 -16.13 -4.34
C LEU B 48 24.82 -17.28 -4.43
N ARG B 49 26.07 -16.99 -4.78
CA ARG B 49 27.08 -18.04 -4.89
C ARG B 49 27.28 -18.71 -3.53
N ILE B 50 27.45 -17.91 -2.47
CA ILE B 50 27.64 -18.44 -1.12
C ILE B 50 26.44 -19.26 -0.64
N LEU B 51 25.23 -18.77 -0.89
CA LEU B 51 24.02 -19.51 -0.47
C LEU B 51 24.05 -20.91 -1.08
N ASP B 52 24.36 -20.97 -2.37
CA ASP B 52 24.43 -22.21 -3.11
C ASP B 52 25.52 -23.15 -2.56
N GLU B 53 26.69 -22.59 -2.29
CA GLU B 53 27.80 -23.37 -1.75
C GLU B 53 27.46 -23.90 -0.37
N HIS B 54 26.44 -23.32 0.25
CA HIS B 54 26.05 -23.79 1.57
C HIS B 54 24.76 -24.63 1.47
N GLY B 55 24.39 -24.96 0.24
CA GLY B 55 23.20 -25.77 0.00
C GLY B 55 21.89 -25.15 0.49
N LEU B 56 21.87 -23.83 0.67
CA LEU B 56 20.67 -23.13 1.14
C LEU B 56 19.70 -22.79 0.03
N LYS B 57 18.62 -23.55 -0.08
CA LYS B 57 17.59 -23.27 -1.10
C LYS B 57 16.65 -22.18 -0.54
N LEU B 58 15.73 -21.70 -1.37
CA LEU B 58 14.80 -20.63 -0.95
C LEU B 58 14.01 -21.04 0.31
N GLY B 59 13.41 -22.21 0.29
CA GLY B 59 12.66 -22.67 1.45
C GLY B 59 13.51 -22.59 2.71
N ASP B 60 14.78 -22.99 2.58
CA ASP B 60 15.72 -22.97 3.72
C ASP B 60 16.00 -21.54 4.17
N ILE B 61 16.17 -20.67 3.20
CA ILE B 61 16.45 -19.27 3.48
C ILE B 61 15.32 -18.61 4.26
N GLN B 62 14.10 -18.86 3.80
CA GLN B 62 12.92 -18.30 4.45
C GLN B 62 12.72 -18.85 5.87
N GLU B 63 13.07 -20.12 6.12
CA GLU B 63 12.90 -20.67 7.47
C GLU B 63 13.71 -19.81 8.43
N VAL B 64 14.91 -19.42 7.99
CA VAL B 64 15.78 -18.59 8.79
C VAL B 64 15.18 -17.17 8.95
N ILE B 65 14.79 -16.57 7.83
CA ILE B 65 14.20 -15.23 7.89
C ILE B 65 12.95 -15.20 8.76
N ALA B 66 12.21 -16.30 8.82
CA ALA B 66 11.01 -16.33 9.66
C ALA B 66 11.35 -16.20 11.14
N THR B 67 12.62 -16.46 11.52
CA THR B 67 13.04 -16.36 12.93
C THR B 67 13.42 -14.95 13.33
N LEU B 68 13.50 -14.06 12.33
CA LEU B 68 13.83 -12.69 12.59
C LEU B 68 12.55 -11.97 12.98
N LYS B 69 12.66 -10.85 13.70
CA LYS B 69 11.49 -10.06 14.03
C LYS B 69 11.77 -8.58 13.77
N PRO B 70 10.71 -7.76 13.70
CA PRO B 70 10.81 -6.31 13.48
C PRO B 70 11.53 -5.70 14.69
N LEU B 71 12.14 -4.53 14.49
CA LEU B 71 12.82 -3.84 15.57
C LEU B 71 11.79 -3.53 16.65
N GLU B 72 12.24 -3.49 17.89
CA GLU B 72 11.35 -3.22 19.00
C GLU B 72 10.59 -1.92 18.79
N GLY B 73 9.26 -1.99 18.79
CA GLY B 73 8.46 -0.79 18.60
C GLY B 73 8.06 -0.46 17.16
N ALA B 74 8.63 -1.17 16.19
CA ALA B 74 8.32 -0.88 14.78
C ALA B 74 6.89 -1.22 14.40
N VAL B 75 6.37 -2.34 14.92
CA VAL B 75 5.00 -2.74 14.59
C VAL B 75 4.03 -1.72 15.10
N GLU B 76 4.22 -1.29 16.35
CA GLU B 76 3.36 -0.28 16.95
C GLU B 76 3.50 1.01 16.15
N PHE B 77 4.71 1.33 15.67
CA PHE B 77 4.88 2.55 14.90
C PHE B 77 4.11 2.45 13.57
N VAL B 78 4.22 1.33 12.89
CA VAL B 78 3.48 1.16 11.63
C VAL B 78 1.97 1.30 11.87
N ASP B 79 1.47 0.67 12.94
CA ASP B 79 0.03 0.78 13.25
C ASP B 79 -0.37 2.25 13.44
N TRP B 80 0.45 3.00 14.18
CA TRP B 80 0.18 4.42 14.43
C TRP B 80 0.13 5.15 13.08
N LEU B 81 1.14 4.88 12.26
CA LEU B 81 1.25 5.53 10.97
C LEU B 81 0.09 5.21 10.04
N ARG B 82 -0.37 3.96 10.04
CA ARG B 82 -1.49 3.56 9.17
C ARG B 82 -2.85 4.15 9.55
N GLU B 83 -2.99 4.65 10.77
CA GLU B 83 -4.24 5.29 11.16
C GLU B 83 -4.25 6.72 10.62
N ARG B 84 -3.08 7.22 10.22
CA ARG B 84 -2.96 8.62 9.76
C ARG B 84 -2.51 8.91 8.34
N PHE B 85 -1.85 7.92 7.73
CA PHE B 85 -1.31 8.05 6.37
C PHE B 85 -1.55 6.73 5.57
N GLN B 86 -1.24 6.76 4.28
CA GLN B 86 -1.27 5.53 3.46
C GLN B 86 0.21 5.17 3.51
N VAL B 87 0.52 3.96 3.92
CA VAL B 87 1.91 3.59 4.13
C VAL B 87 2.44 2.63 3.10
N VAL B 88 3.53 3.01 2.43
CA VAL B 88 4.12 2.18 1.40
C VAL B 88 5.60 1.98 1.75
N ILE B 89 6.08 0.75 1.62
CA ILE B 89 7.45 0.41 1.97
C ILE B 89 8.31 0.39 0.70
N LEU B 90 9.44 1.09 0.73
CA LEU B 90 10.34 1.18 -0.43
C LEU B 90 11.64 0.54 0.03
N SER B 91 12.05 -0.55 -0.59
CA SER B 91 13.24 -1.24 -0.08
C SER B 91 14.05 -1.88 -1.16
N ASP B 92 15.34 -2.10 -0.90
CA ASP B 92 16.14 -2.75 -1.92
C ASP B 92 16.23 -4.25 -1.67
N THR B 93 15.38 -4.73 -0.76
CA THR B 93 15.32 -6.14 -0.45
C THR B 93 14.63 -6.84 -1.62
N PHE B 94 14.38 -8.15 -1.46
CA PHE B 94 13.68 -8.96 -2.47
C PHE B 94 12.39 -9.54 -1.88
N TYR B 95 11.34 -9.67 -2.70
CA TYR B 95 10.08 -10.21 -2.18
C TYR B 95 10.23 -11.53 -1.43
N GLU B 96 10.87 -12.49 -2.07
CA GLU B 96 11.04 -13.83 -1.51
C GLU B 96 11.86 -13.87 -0.20
N PHE B 97 12.81 -12.98 -0.05
CA PHE B 97 13.63 -12.93 1.16
C PHE B 97 12.94 -12.22 2.31
N SER B 98 12.14 -11.22 2.00
CA SER B 98 11.54 -10.47 3.09
C SER B 98 10.16 -10.90 3.51
N GLN B 99 9.51 -11.77 2.76
CA GLN B 99 8.13 -12.09 3.10
C GLN B 99 7.78 -12.39 4.57
N PRO B 100 8.50 -13.28 5.27
CA PRO B 100 8.17 -13.56 6.69
C PRO B 100 8.14 -12.28 7.53
N LEU B 101 9.08 -11.36 7.29
CA LEU B 101 9.09 -10.10 8.05
C LEU B 101 7.94 -9.17 7.64
N MET B 102 7.66 -9.12 6.34
CA MET B 102 6.57 -8.25 5.87
C MET B 102 5.23 -8.70 6.48
N ARG B 103 5.04 -10.01 6.63
CA ARG B 103 3.79 -10.52 7.21
C ARG B 103 3.58 -9.96 8.64
N GLN B 104 4.65 -9.84 9.41
CA GLN B 104 4.55 -9.33 10.79
C GLN B 104 4.16 -7.86 10.84
N LEU B 105 4.38 -7.18 9.71
CA LEU B 105 4.05 -5.76 9.62
C LEU B 105 2.66 -5.62 9.02
N GLY B 106 1.98 -6.74 8.76
CA GLY B 106 0.63 -6.68 8.18
C GLY B 106 0.59 -6.50 6.65
N PHE B 107 1.65 -6.97 5.98
CA PHE B 107 1.80 -6.90 4.55
C PHE B 107 1.46 -5.55 3.90
N PRO B 108 2.11 -4.47 4.34
CA PRO B 108 1.79 -3.20 3.68
C PRO B 108 2.44 -3.25 2.30
N THR B 109 1.92 -2.50 1.34
CA THR B 109 2.50 -2.48 0.00
C THR B 109 4.00 -2.28 0.05
N LEU B 110 4.71 -3.20 -0.61
CA LEU B 110 6.17 -3.21 -0.68
C LEU B 110 6.69 -3.10 -2.11
N LEU B 111 7.51 -2.08 -2.37
CA LEU B 111 8.05 -1.91 -3.71
C LEU B 111 9.55 -2.17 -3.62
N CYS B 112 9.94 -3.36 -4.06
CA CYS B 112 11.33 -3.77 -4.01
C CYS B 112 11.70 -4.57 -5.27
N HIS B 113 12.67 -5.48 -5.15
CA HIS B 113 13.15 -6.26 -6.28
C HIS B 113 12.74 -7.72 -6.17
N LYS B 114 13.12 -8.52 -7.16
CA LYS B 114 12.75 -9.93 -7.11
C LYS B 114 13.90 -10.88 -7.47
N LEU B 115 13.75 -12.13 -7.02
CA LEU B 115 14.73 -13.17 -7.28
C LEU B 115 14.28 -14.12 -8.39
N GLU B 116 15.26 -14.86 -8.94
CA GLU B 116 14.99 -15.85 -9.97
C GLU B 116 15.14 -17.19 -9.25
N ILE B 117 14.05 -17.95 -9.12
CA ILE B 117 14.08 -19.25 -8.44
C ILE B 117 13.87 -20.35 -9.47
N ASP B 118 14.75 -21.37 -9.46
CA ASP B 118 14.61 -22.47 -10.41
C ASP B 118 13.70 -23.58 -9.89
N ASP B 119 13.63 -24.65 -10.67
CA ASP B 119 12.80 -25.82 -10.35
C ASP B 119 13.20 -26.53 -9.04
N SER B 120 14.50 -26.55 -8.76
CA SER B 120 15.01 -27.17 -7.55
C SER B 120 15.01 -26.22 -6.35
N ASP B 121 14.26 -25.12 -6.46
CA ASP B 121 14.12 -24.14 -5.40
C ASP B 121 15.42 -23.40 -5.11
N ARG B 122 16.31 -23.35 -6.09
CA ARG B 122 17.59 -22.67 -5.94
C ARG B 122 17.49 -21.22 -6.40
N VAL B 123 18.10 -20.31 -5.65
CA VAL B 123 18.10 -18.89 -6.03
C VAL B 123 19.23 -18.71 -7.04
N VAL B 124 18.90 -18.80 -8.32
CA VAL B 124 19.89 -18.69 -9.39
C VAL B 124 20.14 -17.29 -9.95
N GLY B 125 19.25 -16.35 -9.62
CA GLY B 125 19.41 -15.01 -10.13
C GLY B 125 18.55 -14.00 -9.41
N TYR B 126 18.60 -12.76 -9.90
CA TYR B 126 17.83 -11.67 -9.31
C TYR B 126 17.62 -10.60 -10.37
N GLN B 127 16.62 -9.75 -10.14
CA GLN B 127 16.36 -8.68 -11.08
C GLN B 127 16.07 -7.42 -10.30
N LEU B 128 16.88 -6.39 -10.54
CA LEU B 128 16.66 -5.11 -9.89
C LEU B 128 15.55 -4.48 -10.74
N ARG B 129 14.49 -4.02 -10.07
CA ARG B 129 13.33 -3.53 -10.78
C ARG B 129 13.58 -2.41 -11.77
N GLN B 130 14.36 -1.42 -11.36
CA GLN B 130 14.70 -0.27 -12.20
C GLN B 130 15.76 0.50 -11.44
N LYS B 131 16.43 1.46 -12.10
CA LYS B 131 17.46 2.25 -11.44
C LYS B 131 16.85 3.26 -10.49
N ASP B 132 17.56 3.62 -9.42
CA ASP B 132 17.08 4.61 -8.42
C ASP B 132 15.60 4.31 -8.12
N PRO B 133 15.30 3.05 -7.80
CA PRO B 133 13.92 2.61 -7.52
C PRO B 133 13.08 3.37 -6.49
N LYS B 134 13.71 3.86 -5.43
CA LYS B 134 12.96 4.54 -4.40
C LYS B 134 12.59 5.93 -4.86
N ARG B 135 13.56 6.62 -5.47
CA ARG B 135 13.29 7.97 -5.98
C ARG B 135 12.17 7.88 -7.01
N GLN B 136 12.26 6.91 -7.92
CA GLN B 136 11.23 6.77 -8.95
C GLN B 136 9.86 6.45 -8.34
N SER B 137 9.83 5.68 -7.26
CA SER B 137 8.55 5.38 -6.60
C SER B 137 7.96 6.68 -6.11
N VAL B 138 8.79 7.56 -5.53
CA VAL B 138 8.23 8.81 -5.05
C VAL B 138 7.65 9.61 -6.19
N ILE B 139 8.36 9.63 -7.32
CA ILE B 139 7.87 10.38 -8.50
C ILE B 139 6.51 9.81 -8.94
N ALA B 140 6.36 8.48 -8.88
CA ALA B 140 5.08 7.86 -9.28
C ALA B 140 3.92 8.38 -8.39
N PHE B 141 4.13 8.49 -7.08
CA PHE B 141 3.05 9.02 -6.22
C PHE B 141 2.80 10.49 -6.52
N LYS B 142 3.86 11.21 -6.87
CA LYS B 142 3.69 12.62 -7.22
C LYS B 142 2.84 12.77 -8.45
N SER B 143 2.94 11.77 -9.33
CA SER B 143 2.16 11.79 -10.57
C SER B 143 0.67 11.64 -10.28
N LEU B 144 0.35 11.14 -9.09
CA LEU B 144 -1.05 10.97 -8.67
C LEU B 144 -1.53 12.10 -7.74
N TYR B 145 -0.76 13.18 -7.69
CA TYR B 145 -1.03 14.35 -6.85
C TYR B 145 -0.94 14.10 -5.36
N TYR B 146 -0.09 13.15 -4.97
CA TYR B 146 0.09 12.94 -3.52
C TYR B 146 1.32 13.71 -3.06
N ARG B 147 1.28 14.16 -1.81
CA ARG B 147 2.39 14.78 -1.12
C ARG B 147 3.03 13.55 -0.46
N VAL B 148 4.34 13.41 -0.51
CA VAL B 148 5.00 12.24 0.08
C VAL B 148 5.94 12.64 1.24
N ILE B 149 5.87 11.93 2.37
CA ILE B 149 6.79 12.21 3.50
C ILE B 149 7.55 10.89 3.64
N ALA B 150 8.87 10.94 3.50
CA ALA B 150 9.65 9.70 3.54
C ALA B 150 10.64 9.62 4.68
N ALA B 151 10.96 8.40 5.09
CA ALA B 151 11.91 8.18 6.19
C ALA B 151 12.84 7.07 5.80
N GLY B 152 14.12 7.31 6.02
CA GLY B 152 15.12 6.31 5.66
C GLY B 152 16.30 6.38 6.62
N ASP B 153 17.16 5.38 6.60
CA ASP B 153 18.27 5.35 7.52
C ASP B 153 19.64 5.41 6.86
N SER B 154 19.73 5.55 5.55
CA SER B 154 21.08 5.55 5.02
C SER B 154 21.34 6.33 3.76
N TYR B 155 22.61 6.35 3.37
CA TYR B 155 23.03 7.09 2.19
C TYR B 155 22.16 6.74 0.97
N ASN B 156 21.80 5.46 0.84
CA ASN B 156 20.99 4.97 -0.28
C ASN B 156 19.50 5.33 -0.20
N ASP B 157 19.14 6.16 0.78
CA ASP B 157 17.75 6.61 0.91
C ASP B 157 17.69 8.09 0.60
N THR B 158 18.85 8.72 0.49
CA THR B 158 18.86 10.16 0.29
C THR B 158 18.22 10.68 -0.99
N THR B 159 18.25 9.93 -2.09
CA THR B 159 17.62 10.42 -3.32
C THR B 159 16.11 10.43 -3.07
N MET B 160 15.64 9.41 -2.35
CA MET B 160 14.23 9.28 -1.96
C MET B 160 13.83 10.44 -1.03
N LEU B 161 14.65 10.69 -0.01
CA LEU B 161 14.37 11.78 0.94
C LEU B 161 14.33 13.15 0.26
N SER B 162 15.23 13.37 -0.68
CA SER B 162 15.25 14.65 -1.41
C SER B 162 14.08 14.79 -2.38
N GLU B 163 13.65 13.69 -2.99
CA GLU B 163 12.56 13.78 -3.96
C GLU B 163 11.23 14.03 -3.25
N ALA B 164 11.09 13.49 -2.05
CA ALA B 164 9.86 13.63 -1.30
C ALA B 164 9.59 15.07 -0.89
N HIS B 165 8.36 15.36 -0.51
CA HIS B 165 8.02 16.70 -0.08
C HIS B 165 8.71 16.96 1.26
N ALA B 166 8.92 15.90 2.04
CA ALA B 166 9.59 16.00 3.33
C ALA B 166 10.31 14.69 3.57
N GLY B 167 11.56 14.77 4.00
CA GLY B 167 12.36 13.58 4.25
C GLY B 167 12.82 13.58 5.70
N ILE B 168 12.83 12.40 6.31
CA ILE B 168 13.26 12.23 7.69
C ILE B 168 14.30 11.10 7.75
N LEU B 169 15.40 11.35 8.47
CA LEU B 169 16.46 10.36 8.67
C LEU B 169 16.18 9.72 10.02
N PHE B 170 16.13 8.40 10.04
CA PHE B 170 15.82 7.66 11.25
C PHE B 170 16.86 6.58 11.43
N HIS B 171 17.42 6.51 12.63
CA HIS B 171 18.47 5.55 12.94
C HIS B 171 19.65 5.75 11.95
N ALA B 172 19.84 6.95 11.44
CA ALA B 172 20.94 7.17 10.49
C ALA B 172 22.30 7.32 11.14
N PRO B 173 23.36 6.89 10.43
CA PRO B 173 24.73 6.99 10.95
C PRO B 173 25.08 8.47 10.99
N GLU B 174 25.95 8.84 11.92
CA GLU B 174 26.36 10.23 12.07
C GLU B 174 26.87 10.87 10.80
N ASN B 175 27.65 10.13 10.02
CA ASN B 175 28.18 10.65 8.76
C ASN B 175 27.06 11.07 7.80
N VAL B 176 26.04 10.23 7.64
CA VAL B 176 24.92 10.56 6.75
C VAL B 176 24.20 11.81 7.27
N ILE B 177 23.96 11.84 8.58
CA ILE B 177 23.28 12.96 9.24
C ILE B 177 24.01 14.28 9.01
N ARG B 178 25.33 14.22 9.16
CA ARG B 178 26.17 15.42 8.98
C ARG B 178 26.18 15.89 7.54
N GLU B 179 26.24 14.97 6.60
CA GLU B 179 26.25 15.35 5.19
C GLU B 179 24.91 15.82 4.68
N PHE B 180 23.82 15.36 5.31
CA PHE B 180 22.47 15.76 4.86
C PHE B 180 21.70 16.50 5.93
N PRO B 181 22.19 17.70 6.33
CA PRO B 181 21.55 18.53 7.35
C PRO B 181 20.13 18.98 7.08
N GLN B 182 19.72 18.94 5.82
CA GLN B 182 18.38 19.38 5.45
C GLN B 182 17.26 18.48 5.96
N PHE B 183 17.59 17.27 6.40
CA PHE B 183 16.55 16.37 6.90
C PHE B 183 16.64 16.21 8.42
N PRO B 184 15.51 16.36 9.14
CA PRO B 184 15.56 16.20 10.60
C PRO B 184 16.00 14.75 10.84
N ALA B 185 16.82 14.52 11.87
CA ALA B 185 17.30 13.18 12.19
C ALA B 185 16.86 12.81 13.59
N VAL B 186 16.17 11.69 13.74
CA VAL B 186 15.69 11.25 15.03
C VAL B 186 16.04 9.79 15.22
N HIS B 187 15.95 9.31 16.46
CA HIS B 187 16.35 7.94 16.74
C HIS B 187 15.36 7.07 17.53
N THR B 188 14.22 7.62 17.92
CA THR B 188 13.19 6.84 18.64
C THR B 188 11.90 6.89 17.82
N TYR B 189 11.05 5.88 17.97
CA TYR B 189 9.83 5.89 17.20
C TYR B 189 8.92 7.02 17.64
N GLU B 190 8.90 7.38 18.93
CA GLU B 190 8.06 8.50 19.32
C GLU B 190 8.52 9.77 18.58
N ASP B 191 9.83 9.95 18.45
CA ASP B 191 10.32 11.13 17.76
C ASP B 191 10.00 11.05 16.28
N LEU B 192 10.00 9.85 15.71
CA LEU B 192 9.68 9.69 14.29
C LEU B 192 8.23 10.13 14.11
N LYS B 193 7.33 9.69 14.99
CA LYS B 193 5.94 10.12 14.91
C LYS B 193 5.90 11.65 14.90
N ARG B 194 6.63 12.29 15.81
CA ARG B 194 6.65 13.75 15.87
C ARG B 194 7.10 14.39 14.55
N GLU B 195 8.08 13.78 13.90
CA GLU B 195 8.55 14.35 12.65
C GLU B 195 7.47 14.18 11.57
N PHE B 196 6.74 13.06 11.58
CA PHE B 196 5.65 12.90 10.61
C PHE B 196 4.54 13.93 10.88
N LEU B 197 4.29 14.22 12.16
CA LEU B 197 3.27 15.23 12.45
C LEU B 197 3.73 16.62 11.97
N LYS B 198 5.00 16.97 12.18
CA LYS B 198 5.46 18.28 11.73
C LYS B 198 5.43 18.40 10.21
N ALA B 199 5.75 17.31 9.53
CA ALA B 199 5.80 17.30 8.07
C ALA B 199 4.41 17.30 7.42
N SER B 200 3.40 16.81 8.12
CA SER B 200 2.05 16.79 7.58
C SER B 200 1.38 18.16 7.53
N SER B 201 0.53 18.33 6.51
CA SER B 201 -0.23 19.57 6.33
C SER B 201 -1.55 19.46 7.07
N ARG B 202 -1.80 18.30 7.69
CA ARG B 202 -3.04 18.07 8.40
C ARG B 202 -2.87 18.15 9.92
N SER B 203 -3.96 18.40 10.62
CA SER B 203 -3.94 18.46 12.09
C SER B 203 -4.09 17.02 12.57
N LEU B 204 -2.98 16.40 12.96
CA LEU B 204 -3.05 15.02 13.42
C LEU B 204 -2.62 15.04 14.86
N SER B 205 -2.99 14.00 15.60
CA SER B 205 -2.62 13.88 17.01
C SER B 205 -1.58 12.78 17.17
N LEU B 206 -0.82 12.87 18.25
CA LEU B 206 0.22 11.89 18.55
C LEU B 206 -0.45 10.72 19.25
P PO4 C . -15.87 2.60 -5.28
O1 PO4 C . -14.97 2.91 -6.40
O2 PO4 C . -16.91 1.61 -5.73
O3 PO4 C . -15.07 2.01 -4.13
O4 PO4 C . -16.53 3.86 -4.80
MG MG D . -17.21 -0.41 -6.49
MG MG E . -21.64 -3.57 -7.09
C1 EDO F . -7.12 15.83 -13.26
O1 EDO F . -8.54 15.90 -13.36
C2 EDO F . -6.73 16.78 -12.32
O2 EDO F . -5.30 16.84 -12.10
C1 EDO G . -1.84 -9.39 6.53
O1 EDO G . -2.57 -10.01 5.45
C2 EDO G . -2.16 -10.06 7.81
O2 EDO G . -1.59 -9.38 9.02
P PO4 H . 16.79 -1.42 2.50
O1 PO4 H . 16.60 -0.46 1.35
O2 PO4 H . 17.42 -0.70 3.68
O3 PO4 H . 15.47 -2.01 2.92
O4 PO4 H . 17.69 -2.53 2.04
MG MG I . 17.64 0.88 5.36
MG MG J . 20.55 2.02 10.21
C1 EDO K . 18.30 -8.11 -0.42
O1 EDO K . 18.95 -6.97 0.17
C2 EDO K . 17.40 -8.79 0.58
O2 EDO K . 17.19 -8.05 1.83
C1 EDO L . -4.54 11.73 2.72
O1 EDO L . -3.73 12.83 3.17
C2 EDO L . -4.75 10.81 3.86
O2 EDO L . -3.72 9.81 4.01
#